data_5BU1
#
_entry.id   5BU1
#
_cell.length_a   60.888
_cell.length_b   71.466
_cell.length_c   76.996
_cell.angle_alpha   90.00
_cell.angle_beta   90.00
_cell.angle_gamma   90.00
#
_symmetry.space_group_name_H-M   'P 21 21 21'
#
loop_
_entity.id
_entity.type
_entity.pdbx_description
1 polymer LPG1496
2 non-polymer 'MALONATE ION'
3 water water
#
_entity_poly.entity_id   1
_entity_poly.type   'polypeptide(L)'
_entity_poly.pdbx_seq_one_letter_code
;MEIEKNDYLLSANGSKAIDFVWSNFLKHPYNPKLKQPDANVKAAWEKHADWEHWSNMGQDWSLNTPSGLVPRPNHGIAHT
LRVAQLVPVIAEFLKAYSGDPKFQKLTQKEIQKAQYMMLFSVIGRENDMSWTDANHYQQAFKEAYNGQYSKHIYATFKEN
AQKGFLNHVVTNKSSLIPSLFSDESELQYWAEALDTGKPGISSASGILMALAHDLDLMRCYDKGKFNSLKMKDLVARLGG
NEDAAKKLADYAHDLIVATGDRCMGYGVTQDYNYSLFGKCSLDPNECLKLEHHHHHH
;
_entity_poly.pdbx_strand_id   A
#
loop_
_chem_comp.id
_chem_comp.type
_chem_comp.name
_chem_comp.formula
MLI non-polymer 'MALONATE ION' 'C3 H2 O4 -2'
#
# COMPACT_ATOMS: atom_id res chain seq x y z
N ASP A 7 5.56 -1.78 -20.40
CA ASP A 7 5.42 -2.12 -18.92
C ASP A 7 6.17 -1.01 -18.16
N TYR A 8 5.45 -0.06 -17.50
CA TYR A 8 5.99 1.27 -17.09
C TYR A 8 6.92 1.19 -15.88
N LEU A 9 6.80 0.11 -15.11
CA LEU A 9 7.75 -0.10 -14.03
C LEU A 9 9.15 -0.28 -14.54
N LEU A 10 9.26 -0.64 -15.83
CA LEU A 10 10.60 -0.85 -16.39
C LEU A 10 11.03 0.44 -17.12
N SER A 11 10.25 1.50 -17.20
CA SER A 11 10.67 2.78 -17.80
C SER A 11 11.74 3.39 -16.99
N ALA A 12 12.43 4.39 -17.55
CA ALA A 12 13.52 5.04 -16.82
C ALA A 12 12.90 5.71 -15.57
N ASN A 13 11.71 6.32 -15.72
CA ASN A 13 11.08 6.96 -14.53
C ASN A 13 10.66 5.93 -13.48
N GLY A 14 10.19 4.77 -13.90
CA GLY A 14 9.73 3.70 -12.94
C GLY A 14 10.91 3.12 -12.27
N SER A 15 11.99 2.79 -13.02
CA SER A 15 13.17 2.27 -12.37
CA SER A 15 13.14 2.22 -12.32
C SER A 15 13.78 3.19 -11.34
N LYS A 16 13.87 4.49 -11.69
CA LYS A 16 14.47 5.43 -10.76
C LYS A 16 13.59 5.52 -9.47
N ALA A 17 12.26 5.47 -9.64
CA ALA A 17 11.41 5.56 -8.43
C ALA A 17 11.49 4.29 -7.59
N ILE A 18 11.58 3.13 -8.26
CA ILE A 18 11.73 1.91 -7.49
C ILE A 18 13.00 1.94 -6.71
N ASP A 19 14.11 2.32 -7.32
CA ASP A 19 15.35 2.34 -6.58
CA ASP A 19 15.38 2.43 -6.65
C ASP A 19 15.27 3.34 -5.43
N PHE A 20 14.56 4.45 -5.65
CA PHE A 20 14.48 5.47 -4.60
C PHE A 20 13.66 4.95 -3.40
N VAL A 21 12.50 4.38 -3.70
CA VAL A 21 11.64 3.96 -2.56
C VAL A 21 12.28 2.75 -1.81
N TRP A 22 12.89 1.83 -2.55
CA TRP A 22 13.56 0.72 -1.91
C TRP A 22 14.72 1.25 -1.04
N SER A 23 15.61 2.09 -1.60
CA SER A 23 16.86 2.43 -0.90
C SER A 23 16.63 3.31 0.29
N ASN A 24 15.65 4.24 0.18
CA ASN A 24 15.47 5.23 1.24
C ASN A 24 14.37 4.91 2.28
N PHE A 25 13.51 3.92 1.94
CA PHE A 25 12.37 3.62 2.81
C PHE A 25 12.13 2.14 3.02
N LEU A 26 11.86 1.44 1.94
CA LEU A 26 11.21 0.15 2.14
C LEU A 26 12.16 -0.94 2.62
N LYS A 27 13.45 -0.77 2.36
CA LYS A 27 14.42 -1.80 2.83
C LYS A 27 14.72 -1.71 4.30
N HIS A 28 14.26 -0.64 4.98
CA HIS A 28 14.62 -0.37 6.37
C HIS A 28 13.58 -0.88 7.33
N PRO A 29 13.98 -1.19 8.56
CA PRO A 29 13.07 -1.68 9.57
C PRO A 29 12.06 -0.59 9.96
N TYR A 30 10.96 -1.10 10.48
CA TYR A 30 10.07 -0.22 11.21
C TYR A 30 10.74 0.42 12.47
N ASN A 31 10.06 1.45 12.99
CA ASN A 31 10.74 2.32 14.02
C ASN A 31 10.47 1.73 15.38
N PRO A 32 11.54 1.29 16.07
CA PRO A 32 11.25 0.70 17.42
C PRO A 32 10.57 1.60 18.41
N LYS A 33 10.62 2.91 18.20
CA LYS A 33 9.92 3.79 19.08
C LYS A 33 8.40 3.68 18.94
N LEU A 34 7.94 3.09 17.82
CA LEU A 34 6.49 2.94 17.54
CA LEU A 34 6.50 2.95 17.56
C LEU A 34 6.02 1.49 17.64
N LYS A 35 6.76 0.65 18.34
CA LYS A 35 6.39 -0.72 18.46
C LYS A 35 5.29 -0.92 19.47
N GLN A 36 5.23 -0.05 20.46
CA GLN A 36 4.20 -0.16 21.50
C GLN A 36 4.08 1.19 22.15
N PRO A 37 2.93 1.47 22.83
CA PRO A 37 2.83 2.71 23.56
C PRO A 37 3.69 2.71 24.88
N ASP A 38 3.85 3.90 25.43
CA ASP A 38 4.42 3.95 26.80
C ASP A 38 3.43 3.42 27.83
N ALA A 39 3.89 3.17 29.08
CA ALA A 39 3.01 2.51 30.03
C ALA A 39 1.75 3.30 30.33
N ASN A 40 1.84 4.63 30.38
CA ASN A 40 0.71 5.44 30.74
C ASN A 40 -0.36 5.29 29.57
N VAL A 41 0.16 5.40 28.33
CA VAL A 41 -0.81 5.22 27.17
C VAL A 41 -1.41 3.81 27.17
N LYS A 42 -0.63 2.77 27.45
CA LYS A 42 -1.12 1.40 27.53
C LYS A 42 -2.23 1.33 28.57
N ALA A 43 -2.00 1.88 29.76
CA ALA A 43 -3.06 1.81 30.74
C ALA A 43 -4.38 2.50 30.35
N ALA A 44 -4.28 3.65 29.69
CA ALA A 44 -5.49 4.32 29.23
C ALA A 44 -6.14 3.42 28.15
N TRP A 45 -5.34 2.91 27.20
CA TRP A 45 -5.91 2.11 26.13
C TRP A 45 -6.65 0.89 26.65
N GLU A 46 -6.03 0.22 27.64
CA GLU A 46 -6.59 -1.05 28.14
C GLU A 46 -7.97 -0.83 28.76
N LYS A 47 -8.32 0.38 29.18
CA LYS A 47 -9.65 0.56 29.71
C LYS A 47 -10.76 0.40 28.69
N HIS A 48 -10.42 0.62 27.42
CA HIS A 48 -11.40 0.50 26.36
C HIS A 48 -11.41 -0.92 25.86
N ALA A 49 -12.30 -1.68 26.50
CA ALA A 49 -12.27 -3.11 26.28
C ALA A 49 -12.77 -3.49 24.87
N ASP A 50 -13.42 -2.58 24.20
CA ASP A 50 -13.89 -2.78 22.79
C ASP A 50 -12.73 -2.57 21.80
N TRP A 51 -11.64 -1.90 22.20
CA TRP A 51 -10.57 -1.67 21.22
C TRP A 51 -9.65 -2.87 21.10
N GLU A 52 -9.18 -3.14 19.87
CA GLU A 52 -8.16 -4.13 19.73
C GLU A 52 -6.92 -3.75 20.52
N HIS A 53 -6.21 -4.76 21.02
CA HIS A 53 -5.13 -4.54 21.94
C HIS A 53 -3.96 -3.76 21.30
N TRP A 54 -3.23 -3.02 22.10
CA TRP A 54 -2.19 -2.14 21.58
C TRP A 54 -1.01 -2.93 20.97
N SER A 55 -0.96 -4.25 21.23
CA SER A 55 0.00 -5.10 20.51
C SER A 55 -0.17 -5.06 19.01
N ASN A 56 -1.26 -4.51 18.52
CA ASN A 56 -1.38 -4.31 17.08
C ASN A 56 -0.24 -3.40 16.62
N MET A 57 0.30 -2.50 17.45
CA MET A 57 1.43 -1.65 17.01
C MET A 57 2.69 -2.37 16.64
N GLY A 58 2.84 -3.57 17.19
CA GLY A 58 4.04 -4.39 16.95
C GLY A 58 3.81 -5.57 16.03
N GLN A 59 2.63 -5.70 15.40
CA GLN A 59 2.29 -6.88 14.59
C GLN A 59 3.04 -6.76 13.29
N ASP A 60 3.37 -7.94 12.71
CA ASP A 60 3.95 -7.95 11.38
C ASP A 60 5.16 -7.08 11.33
N TRP A 61 5.98 -7.16 12.36
CA TRP A 61 7.11 -6.26 12.43
C TRP A 61 8.27 -6.64 11.44
N SER A 62 8.56 -7.94 11.39
CA SER A 62 9.62 -8.44 10.50
C SER A 62 9.34 -9.90 10.25
N LEU A 63 10.07 -10.49 9.27
CA LEU A 63 9.84 -11.92 8.99
C LEU A 63 11.21 -12.51 8.76
N ASN A 64 11.46 -13.60 9.52
CA ASN A 64 12.74 -14.31 9.22
C ASN A 64 12.62 -15.14 7.97
N THR A 65 13.67 -15.12 7.15
CA THR A 65 13.67 -15.96 5.91
C THR A 65 15.06 -16.54 5.76
N PRO A 66 15.28 -17.49 4.85
CA PRO A 66 16.62 -18.06 4.77
C PRO A 66 17.70 -17.11 4.31
N SER A 67 17.29 -16.03 3.62
CA SER A 67 18.29 -15.12 3.07
C SER A 67 18.43 -13.77 3.84
N GLY A 68 17.62 -13.58 4.86
CA GLY A 68 17.70 -12.32 5.62
C GLY A 68 16.42 -12.04 6.41
N LEU A 69 16.57 -11.11 7.36
CA LEU A 69 15.37 -10.65 8.08
C LEU A 69 14.66 -9.62 7.22
N VAL A 70 13.43 -9.95 6.84
CA VAL A 70 12.70 -8.99 5.91
C VAL A 70 11.96 -8.06 6.84
N PRO A 71 12.17 -6.75 6.63
CA PRO A 71 11.43 -5.75 7.50
C PRO A 71 10.07 -5.56 6.88
N ARG A 72 9.17 -4.98 7.69
CA ARG A 72 7.85 -4.55 7.22
C ARG A 72 7.21 -5.51 6.20
N PRO A 73 7.14 -6.81 6.55
CA PRO A 73 6.73 -7.81 5.58
C PRO A 73 5.32 -7.71 5.06
N ASN A 74 4.43 -7.02 5.73
CA ASN A 74 3.06 -6.83 5.22
C ASN A 74 2.97 -5.58 4.36
N HIS A 75 4.01 -4.75 4.35
CA HIS A 75 3.95 -3.46 3.58
C HIS A 75 5.34 -3.13 3.07
N GLY A 76 5.96 -4.07 2.34
CA GLY A 76 7.30 -3.90 1.94
C GLY A 76 7.44 -3.76 0.42
N ILE A 77 8.63 -4.13 -0.11
CA ILE A 77 8.83 -3.99 -1.53
C ILE A 77 7.91 -4.90 -2.32
N ALA A 78 7.67 -6.12 -1.86
CA ALA A 78 6.82 -7.06 -2.67
C ALA A 78 5.41 -6.50 -2.75
N HIS A 79 4.84 -6.09 -1.62
CA HIS A 79 3.51 -5.48 -1.69
C HIS A 79 3.49 -4.25 -2.64
N THR A 80 4.52 -3.36 -2.46
CA THR A 80 4.57 -2.12 -3.28
C THR A 80 4.60 -2.47 -4.74
N LEU A 81 5.45 -3.41 -5.16
CA LEU A 81 5.51 -3.63 -6.59
C LEU A 81 4.25 -4.37 -7.05
N ARG A 82 3.57 -5.20 -6.20
CA ARG A 82 2.40 -5.91 -6.72
C ARG A 82 1.30 -4.90 -6.91
N VAL A 83 1.09 -4.01 -5.93
CA VAL A 83 0.02 -3.07 -6.06
CA VAL A 83 0.01 -3.01 -6.09
C VAL A 83 0.28 -2.14 -7.26
N ALA A 84 1.54 -1.76 -7.52
CA ALA A 84 1.82 -0.97 -8.74
C ALA A 84 1.48 -1.76 -10.00
N GLN A 85 1.90 -3.04 -10.01
CA GLN A 85 1.58 -3.89 -11.18
C GLN A 85 0.10 -4.07 -11.41
N LEU A 86 -0.68 -4.12 -10.35
CA LEU A 86 -2.11 -4.31 -10.48
C LEU A 86 -2.77 -3.12 -11.13
N VAL A 87 -2.21 -1.90 -11.00
CA VAL A 87 -2.93 -0.73 -11.49
C VAL A 87 -3.33 -0.84 -13.02
N PRO A 88 -2.38 -1.18 -13.90
CA PRO A 88 -2.85 -1.16 -15.33
C PRO A 88 -3.77 -2.33 -15.60
N VAL A 89 -3.58 -3.45 -14.87
CA VAL A 89 -4.47 -4.60 -15.09
C VAL A 89 -5.89 -4.32 -14.61
N ILE A 90 -6.04 -3.66 -13.47
CA ILE A 90 -7.38 -3.31 -12.96
C ILE A 90 -7.98 -2.31 -13.97
N ALA A 91 -7.18 -1.40 -14.50
CA ALA A 91 -7.71 -0.41 -15.45
C ALA A 91 -8.27 -1.16 -16.67
N GLU A 92 -7.59 -2.20 -17.13
CA GLU A 92 -8.16 -2.92 -18.32
C GLU A 92 -9.46 -3.62 -17.94
N PHE A 93 -9.55 -4.23 -16.75
CA PHE A 93 -10.81 -4.86 -16.36
C PHE A 93 -11.90 -3.83 -16.22
N LEU A 94 -11.62 -2.66 -15.68
CA LEU A 94 -12.69 -1.64 -15.55
C LEU A 94 -13.10 -1.13 -16.95
N LYS A 95 -12.14 -0.97 -17.88
CA LYS A 95 -12.49 -0.56 -19.26
CA LYS A 95 -12.52 -0.55 -19.24
C LYS A 95 -13.41 -1.60 -19.86
N ALA A 96 -13.16 -2.89 -19.62
CA ALA A 96 -13.89 -4.04 -20.31
C ALA A 96 -15.23 -4.26 -19.70
N TYR A 97 -15.35 -4.13 -18.39
CA TYR A 97 -16.51 -4.65 -17.65
C TYR A 97 -17.32 -3.60 -16.86
N SER A 98 -16.78 -2.40 -16.58
CA SER A 98 -17.49 -1.53 -15.63
C SER A 98 -18.70 -0.86 -16.23
N GLY A 99 -18.61 -0.62 -17.52
CA GLY A 99 -19.70 0.20 -18.22
C GLY A 99 -19.63 1.65 -17.83
N ASP A 100 -18.56 2.10 -17.18
CA ASP A 100 -18.51 3.44 -16.63
C ASP A 100 -17.57 4.26 -17.49
N PRO A 101 -18.03 5.37 -18.09
CA PRO A 101 -17.17 6.09 -18.99
C PRO A 101 -15.91 6.68 -18.32
N LYS A 102 -15.94 6.98 -17.02
CA LYS A 102 -14.71 7.60 -16.46
C LYS A 102 -13.58 6.58 -16.42
N PHE A 103 -13.94 5.29 -16.47
CA PHE A 103 -12.86 4.25 -16.68
C PHE A 103 -12.62 3.99 -18.10
N GLN A 104 -13.69 3.86 -18.89
CA GLN A 104 -13.48 3.64 -20.30
C GLN A 104 -12.57 4.69 -20.95
N LYS A 105 -12.61 5.93 -20.46
CA LYS A 105 -11.88 6.99 -21.10
C LYS A 105 -10.49 7.22 -20.48
N LEU A 106 -10.11 6.41 -19.46
CA LEU A 106 -8.80 6.65 -18.81
C LEU A 106 -7.71 6.49 -19.87
N THR A 107 -6.74 7.42 -19.90
CA THR A 107 -5.71 7.34 -20.88
C THR A 107 -4.49 6.56 -20.37
N GLN A 108 -3.59 6.15 -21.27
CA GLN A 108 -2.42 5.43 -20.84
C GLN A 108 -1.64 6.32 -19.86
N LYS A 109 -1.48 7.62 -20.12
CA LYS A 109 -0.66 8.46 -19.25
C LYS A 109 -1.32 8.58 -17.89
N GLU A 110 -2.66 8.63 -17.82
CA GLU A 110 -3.32 8.66 -16.49
C GLU A 110 -3.07 7.36 -15.74
N ILE A 111 -3.10 6.25 -16.46
CA ILE A 111 -2.88 4.92 -15.76
C ILE A 111 -1.40 4.87 -15.34
N GLN A 112 -0.43 5.33 -16.13
CA GLN A 112 0.98 5.39 -15.69
C GLN A 112 1.15 6.28 -14.50
N LYS A 113 0.48 7.44 -14.43
CA LYS A 113 0.65 8.28 -13.22
C LYS A 113 0.14 7.51 -11.97
N ALA A 114 -0.99 6.84 -12.09
CA ALA A 114 -1.54 6.17 -10.93
C ALA A 114 -0.63 5.01 -10.50
N GLN A 115 -0.09 4.27 -11.48
CA GLN A 115 0.91 3.23 -11.18
C GLN A 115 2.16 3.75 -10.52
N TYR A 116 2.69 4.86 -11.04
CA TYR A 116 3.88 5.48 -10.50
C TYR A 116 3.63 5.92 -9.04
N MET A 117 2.47 6.58 -8.82
CA MET A 117 2.24 7.02 -7.44
C MET A 117 2.09 5.89 -6.45
N MET A 118 1.63 4.71 -6.93
CA MET A 118 1.49 3.61 -5.97
C MET A 118 2.86 3.11 -5.49
N LEU A 119 3.95 3.42 -6.21
CA LEU A 119 5.30 3.04 -5.70
C LEU A 119 5.58 3.75 -4.35
N PHE A 120 4.91 4.90 -4.13
CA PHE A 120 5.13 5.66 -2.92
C PHE A 120 4.03 5.46 -1.90
N SER A 121 3.16 4.45 -2.16
CA SER A 121 1.96 4.37 -1.31
C SER A 121 2.21 3.98 0.10
N VAL A 122 3.30 3.29 0.45
CA VAL A 122 3.49 2.88 1.87
C VAL A 122 4.85 3.29 2.39
N ILE A 123 5.56 4.22 1.70
CA ILE A 123 6.90 4.54 2.16
C ILE A 123 6.93 5.21 3.49
N GLY A 124 5.82 5.85 3.90
CA GLY A 124 5.94 6.64 5.13
C GLY A 124 5.65 5.81 6.36
N ARG A 125 5.27 4.51 6.19
CA ARG A 125 4.87 3.77 7.42
C ARG A 125 6.09 3.49 8.31
N GLU A 126 5.87 3.60 9.61
CA GLU A 126 6.96 3.28 10.60
C GLU A 126 6.50 2.12 11.48
N ASN A 127 5.30 1.62 11.32
CA ASN A 127 4.90 0.29 11.86
C ASN A 127 3.69 -0.17 11.05
N ASP A 128 3.09 -1.27 11.50
CA ASP A 128 2.00 -1.89 10.69
C ASP A 128 0.67 -1.61 11.28
N MET A 129 0.53 -0.59 12.14
CA MET A 129 -0.76 -0.39 12.81
C MET A 129 -1.82 0.14 11.85
N SER A 130 -3.08 -0.15 12.14
CA SER A 130 -4.11 0.41 11.28
C SER A 130 -4.51 1.83 11.61
N TRP A 131 -5.30 2.47 10.71
CA TRP A 131 -5.76 3.82 10.98
C TRP A 131 -6.58 3.85 12.30
N THR A 132 -7.40 2.83 12.51
CA THR A 132 -8.21 2.78 13.75
C THR A 132 -7.27 2.62 14.96
N ASP A 133 -6.23 1.81 14.81
CA ASP A 133 -5.29 1.67 15.92
C ASP A 133 -4.68 3.06 16.22
N ALA A 134 -4.37 3.84 15.16
CA ALA A 134 -3.78 5.18 15.38
C ALA A 134 -4.80 6.15 16.01
N ASN A 135 -6.08 6.04 15.66
CA ASN A 135 -7.05 6.83 16.37
C ASN A 135 -7.04 6.47 17.90
N HIS A 136 -6.93 5.18 18.17
CA HIS A 136 -6.90 4.68 19.58
C HIS A 136 -5.66 5.19 20.26
N TYR A 137 -4.48 5.13 19.61
CA TYR A 137 -3.29 5.68 20.26
C TYR A 137 -3.51 7.15 20.57
N GLN A 138 -4.01 7.94 19.63
CA GLN A 138 -4.16 9.41 19.87
C GLN A 138 -5.14 9.65 21.05
N GLN A 139 -6.23 8.91 21.12
CA GLN A 139 -7.22 9.10 22.17
C GLN A 139 -6.64 8.58 23.51
N ALA A 140 -5.90 7.46 23.49
CA ALA A 140 -5.40 6.94 24.75
C ALA A 140 -4.32 7.89 25.21
N PHE A 141 -3.57 8.55 24.28
CA PHE A 141 -2.55 9.54 24.73
C PHE A 141 -3.23 10.73 25.38
N LYS A 142 -4.33 11.24 24.79
CA LYS A 142 -5.06 12.36 25.40
CA LYS A 142 -5.13 12.33 25.36
C LYS A 142 -5.60 11.94 26.76
N GLU A 143 -6.09 10.71 26.91
CA GLU A 143 -6.65 10.30 28.16
C GLU A 143 -5.55 10.02 29.19
N ALA A 144 -4.34 9.59 28.81
CA ALA A 144 -3.25 9.37 29.75
C ALA A 144 -2.66 10.76 30.18
N TYR A 145 -2.71 11.77 29.31
CA TYR A 145 -1.89 13.01 29.56
C TYR A 145 -2.75 14.21 29.52
N ASN A 146 -3.90 14.08 30.20
CA ASN A 146 -4.67 15.23 30.62
C ASN A 146 -5.10 16.10 29.41
N GLY A 147 -5.49 15.46 28.31
CA GLY A 147 -5.96 16.17 27.14
C GLY A 147 -4.92 16.57 26.09
N GLN A 148 -3.67 16.21 26.27
CA GLN A 148 -2.62 16.68 25.41
C GLN A 148 -2.73 16.11 24.01
N TYR A 149 -2.47 16.99 23.06
CA TYR A 149 -2.40 16.59 21.65
C TYR A 149 -1.16 15.79 21.35
N SER A 150 -1.40 14.78 20.51
CA SER A 150 -0.28 14.08 19.90
CA SER A 150 -0.31 13.97 19.91
C SER A 150 -0.68 13.95 18.42
N LYS A 151 0.30 14.18 17.56
CA LYS A 151 0.12 14.12 16.13
CA LYS A 151 -0.01 14.15 16.11
C LYS A 151 -0.39 12.71 15.75
N HIS A 152 -1.49 12.63 14.99
CA HIS A 152 -1.99 11.30 14.63
C HIS A 152 -0.91 10.57 13.82
N ILE A 153 -0.68 9.28 14.14
CA ILE A 153 0.46 8.56 13.55
C ILE A 153 0.30 8.56 12.03
N TYR A 154 -0.92 8.51 11.49
CA TYR A 154 -0.99 8.46 10.02
C TYR A 154 -0.74 9.87 9.45
N ALA A 155 -0.89 10.94 10.21
CA ALA A 155 -0.42 12.22 9.70
C ALA A 155 1.09 12.22 9.65
N THR A 156 1.79 11.64 10.61
CA THR A 156 3.23 11.38 10.52
C THR A 156 3.58 10.60 9.27
N PHE A 157 2.85 9.48 9.08
CA PHE A 157 3.21 8.69 7.91
C PHE A 157 3.05 9.48 6.61
N LYS A 158 1.98 10.24 6.49
CA LYS A 158 1.77 11.08 5.24
C LYS A 158 2.89 12.06 5.11
N GLU A 159 3.27 12.72 6.20
CA GLU A 159 4.39 13.63 6.12
C GLU A 159 5.66 12.95 5.68
N ASN A 160 5.92 11.72 6.15
CA ASN A 160 7.12 11.00 5.80
C ASN A 160 7.09 10.71 4.32
N ALA A 161 5.94 10.28 3.84
CA ALA A 161 5.84 9.88 2.43
C ALA A 161 5.95 11.14 1.54
N GLN A 162 5.28 12.21 1.93
CA GLN A 162 5.38 13.43 1.07
C GLN A 162 6.82 13.92 1.03
N LYS A 163 7.56 13.86 2.16
CA LYS A 163 8.94 14.34 2.11
C LYS A 163 9.73 13.46 1.11
N GLY A 164 9.54 12.12 1.16
CA GLY A 164 10.29 11.23 0.25
C GLY A 164 9.89 11.53 -1.19
N PHE A 165 8.59 11.64 -1.47
CA PHE A 165 8.15 11.86 -2.82
C PHE A 165 8.77 13.20 -3.33
N LEU A 166 8.67 14.24 -2.51
CA LEU A 166 9.19 15.58 -3.01
C LEU A 166 10.71 15.56 -3.12
N ASN A 167 11.42 14.86 -2.24
CA ASN A 167 12.89 14.71 -2.45
C ASN A 167 13.22 13.99 -3.73
N HIS A 168 12.42 13.02 -4.17
CA HIS A 168 12.75 12.35 -5.41
C HIS A 168 12.36 13.15 -6.58
N VAL A 169 11.17 13.75 -6.58
CA VAL A 169 10.69 14.37 -7.86
C VAL A 169 11.47 15.69 -8.12
N VAL A 170 12.00 16.32 -7.09
CA VAL A 170 12.60 17.64 -7.28
C VAL A 170 13.82 17.61 -8.18
N THR A 171 14.50 16.50 -8.25
CA THR A 171 15.66 16.44 -9.12
C THR A 171 15.36 15.71 -10.39
N ASN A 172 14.10 15.39 -10.62
CA ASN A 172 13.73 14.59 -11.78
C ASN A 172 12.66 15.21 -12.58
N LYS A 173 12.41 16.52 -12.40
CA LYS A 173 11.31 17.16 -13.10
C LYS A 173 11.44 17.13 -14.60
N SER A 174 12.66 17.29 -15.14
CA SER A 174 12.73 17.19 -16.62
C SER A 174 12.49 15.78 -17.13
N SER A 175 12.79 14.73 -16.32
CA SER A 175 12.43 13.37 -16.75
C SER A 175 10.95 13.05 -16.55
N LEU A 176 10.31 13.70 -15.56
CA LEU A 176 8.89 13.46 -15.26
C LEU A 176 7.88 14.28 -16.02
N ILE A 177 8.28 15.51 -16.47
CA ILE A 177 7.34 16.48 -16.99
C ILE A 177 7.95 16.90 -18.38
N PRO A 178 7.20 16.72 -19.47
CA PRO A 178 5.81 16.41 -19.48
C PRO A 178 5.53 14.95 -19.76
N SER A 179 6.55 14.05 -19.73
CA SER A 179 6.25 12.68 -20.22
C SER A 179 5.30 11.88 -19.35
N LEU A 180 5.32 12.18 -18.03
CA LEU A 180 4.41 11.49 -17.13
C LEU A 180 3.40 12.42 -16.49
N PHE A 181 3.89 13.49 -15.85
CA PHE A 181 2.98 14.53 -15.32
C PHE A 181 2.98 15.68 -16.34
N SER A 182 1.81 16.07 -16.75
CA SER A 182 1.85 17.10 -17.88
C SER A 182 2.52 18.41 -17.52
N ASP A 183 2.42 18.85 -16.25
CA ASP A 183 3.00 20.08 -15.81
C ASP A 183 3.20 20.02 -14.26
N GLU A 184 3.81 21.06 -13.68
CA GLU A 184 4.05 21.02 -12.28
C GLU A 184 2.76 21.07 -11.46
N SER A 185 1.64 21.58 -11.96
CA SER A 185 0.38 21.56 -11.26
C SER A 185 -0.19 20.17 -11.10
N GLU A 186 0.03 19.36 -12.15
CA GLU A 186 -0.46 17.96 -12.07
C GLU A 186 0.43 17.24 -11.02
N LEU A 187 1.74 17.49 -11.04
CA LEU A 187 2.61 16.87 -10.05
C LEU A 187 2.22 17.35 -8.63
N GLN A 188 1.83 18.61 -8.51
CA GLN A 188 1.38 19.20 -7.23
C GLN A 188 0.15 18.48 -6.66
N TYR A 189 -0.84 18.17 -7.54
CA TYR A 189 -2.03 17.52 -7.08
C TYR A 189 -1.64 16.14 -6.48
N TRP A 190 -0.76 15.43 -7.18
CA TRP A 190 -0.36 14.09 -6.71
C TRP A 190 0.47 14.14 -5.44
N ALA A 191 1.32 15.19 -5.30
CA ALA A 191 2.03 15.34 -4.06
C ALA A 191 1.08 15.56 -2.85
N GLU A 192 0.06 16.39 -3.05
CA GLU A 192 -0.94 16.61 -1.99
C GLU A 192 -1.78 15.37 -1.74
N ALA A 193 -2.08 14.61 -2.82
CA ALA A 193 -2.91 13.46 -2.64
C ALA A 193 -2.26 12.29 -1.98
N LEU A 194 -0.97 12.20 -2.12
CA LEU A 194 -0.28 11.01 -1.64
C LEU A 194 -0.58 10.75 -0.18
N ASP A 195 -1.07 9.52 0.13
CA ASP A 195 -1.33 9.15 1.50
C ASP A 195 -1.03 7.67 1.68
N THR A 196 -1.08 7.18 2.94
CA THR A 196 -0.69 5.77 3.15
C THR A 196 -1.76 4.80 2.60
N GLY A 197 -1.26 3.90 1.74
CA GLY A 197 -2.12 2.83 1.21
C GLY A 197 -2.78 3.30 -0.04
N LYS A 198 -3.65 4.27 0.12
CA LYS A 198 -4.40 4.79 -1.08
C LYS A 198 -4.74 6.19 -0.82
N PRO A 199 -4.96 6.97 -1.88
CA PRO A 199 -5.19 8.43 -1.61
C PRO A 199 -6.58 8.78 -1.07
N GLY A 200 -7.56 7.90 -1.18
CA GLY A 200 -8.90 8.13 -0.56
C GLY A 200 -9.64 9.19 -1.37
N ILE A 201 -9.49 9.17 -2.71
CA ILE A 201 -10.07 10.19 -3.51
CA ILE A 201 -10.02 10.19 -3.59
C ILE A 201 -10.99 9.56 -4.55
N SER A 202 -12.16 10.19 -4.72
CA SER A 202 -13.16 9.63 -5.63
C SER A 202 -12.99 10.25 -7.00
N SER A 203 -12.17 9.60 -7.81
CA SER A 203 -11.84 10.05 -9.14
C SER A 203 -11.54 8.77 -9.81
N ALA A 204 -11.57 8.75 -11.11
CA ALA A 204 -11.20 7.49 -11.81
C ALA A 204 -9.80 6.96 -11.35
N SER A 205 -8.85 7.89 -11.20
CA SER A 205 -7.48 7.44 -10.82
C SER A 205 -7.50 7.01 -9.40
N GLY A 206 -8.21 7.76 -8.51
CA GLY A 206 -8.25 7.44 -7.09
C GLY A 206 -8.85 6.07 -6.85
N ILE A 207 -9.95 5.77 -7.56
CA ILE A 207 -10.61 4.50 -7.38
C ILE A 207 -9.75 3.36 -7.94
N LEU A 208 -9.04 3.56 -9.07
CA LEU A 208 -8.14 2.58 -9.58
C LEU A 208 -7.03 2.25 -8.53
N MET A 209 -6.48 3.30 -7.89
CA MET A 209 -5.41 3.07 -6.90
C MET A 209 -5.97 2.39 -5.70
N ALA A 210 -7.20 2.76 -5.23
CA ALA A 210 -7.82 2.07 -4.11
C ALA A 210 -8.08 0.59 -4.42
N LEU A 211 -8.52 0.25 -5.64
CA LEU A 211 -8.76 -1.16 -5.96
C LEU A 211 -7.44 -1.96 -5.96
N ALA A 212 -6.34 -1.34 -6.38
CA ALA A 212 -5.04 -2.04 -6.36
C ALA A 212 -4.63 -2.35 -4.92
N HIS A 213 -4.79 -1.34 -4.04
CA HIS A 213 -4.51 -1.63 -2.62
C HIS A 213 -5.46 -2.62 -2.07
N ASP A 214 -6.74 -2.57 -2.41
CA ASP A 214 -7.74 -3.48 -1.82
C ASP A 214 -7.55 -4.93 -2.28
N LEU A 215 -7.17 -5.13 -3.58
CA LEU A 215 -7.07 -6.50 -4.03
C LEU A 215 -5.90 -7.20 -3.34
N ASP A 216 -4.82 -6.46 -3.07
CA ASP A 216 -3.67 -7.09 -2.42
C ASP A 216 -3.91 -7.49 -0.95
N LEU A 217 -5.03 -7.02 -0.38
CA LEU A 217 -5.32 -7.38 1.01
C LEU A 217 -5.70 -8.85 1.15
N MET A 218 -5.84 -9.62 0.05
CA MET A 218 -6.05 -11.04 0.23
C MET A 218 -4.83 -11.63 0.90
N ARG A 219 -3.68 -10.91 0.94
CA ARG A 219 -2.50 -11.48 1.61
C ARG A 219 -2.76 -11.59 3.12
N CYS A 220 -3.63 -10.77 3.68
CA CYS A 220 -3.63 -10.59 5.18
C CYS A 220 -5.03 -10.63 5.71
N TYR A 221 -6.06 -10.69 4.86
CA TYR A 221 -7.45 -10.94 5.36
C TYR A 221 -7.87 -12.33 5.07
N ASP A 222 -8.71 -12.91 6.00
CA ASP A 222 -9.20 -14.18 5.77
C ASP A 222 -10.38 -14.08 4.80
N LYS A 223 -10.79 -15.22 4.35
CA LYS A 223 -11.70 -15.30 3.15
C LYS A 223 -13.01 -14.62 3.35
N GLY A 224 -13.67 -14.93 4.48
CA GLY A 224 -14.82 -14.13 4.85
C GLY A 224 -14.70 -12.65 4.87
N LYS A 225 -13.60 -12.14 5.48
CA LYS A 225 -13.42 -10.78 5.60
C LYS A 225 -13.13 -10.08 4.19
N PHE A 226 -12.26 -10.74 3.43
CA PHE A 226 -11.97 -10.22 2.14
C PHE A 226 -13.25 -10.16 1.26
N ASN A 227 -14.03 -11.22 1.39
CA ASN A 227 -15.23 -11.28 0.54
C ASN A 227 -16.21 -10.17 0.89
N SER A 228 -16.45 -9.97 2.21
CA SER A 228 -17.39 -8.97 2.61
C SER A 228 -16.93 -7.55 2.36
N LEU A 229 -15.62 -7.25 2.66
CA LEU A 229 -15.18 -5.95 2.63
C LEU A 229 -14.72 -5.48 1.26
N LYS A 230 -14.18 -6.42 0.43
CA LYS A 230 -13.56 -6.05 -0.82
C LYS A 230 -14.19 -6.76 -2.05
N MET A 231 -14.40 -8.05 -2.03
CA MET A 231 -14.79 -8.77 -3.25
C MET A 231 -16.20 -8.38 -3.72
N LYS A 232 -17.15 -8.31 -2.79
CA LYS A 232 -18.48 -7.86 -3.26
C LYS A 232 -18.48 -6.53 -3.92
N ASP A 233 -17.72 -5.57 -3.44
CA ASP A 233 -17.70 -4.27 -4.09
C ASP A 233 -17.00 -4.31 -5.44
N LEU A 234 -16.01 -5.21 -5.55
CA LEU A 234 -15.32 -5.37 -6.86
C LEU A 234 -16.29 -5.90 -7.90
N VAL A 235 -17.06 -6.90 -7.51
CA VAL A 235 -18.05 -7.54 -8.37
C VAL A 235 -18.97 -6.39 -8.87
N ALA A 236 -19.42 -5.53 -7.94
CA ALA A 236 -20.29 -4.44 -8.37
C ALA A 236 -19.60 -3.43 -9.26
N ARG A 237 -18.36 -3.09 -9.02
CA ARG A 237 -17.59 -2.23 -9.84
C ARG A 237 -17.43 -2.77 -11.24
N LEU A 238 -17.36 -4.10 -11.38
CA LEU A 238 -17.23 -4.69 -12.70
C LEU A 238 -18.61 -5.06 -13.26
N GLY A 239 -19.57 -4.16 -13.05
CA GLY A 239 -20.88 -4.35 -13.67
C GLY A 239 -21.66 -5.54 -13.17
N GLY A 240 -21.37 -6.01 -11.95
CA GLY A 240 -21.96 -7.21 -11.43
C GLY A 240 -21.46 -8.48 -11.96
N ASN A 241 -20.35 -8.43 -12.70
CA ASN A 241 -19.87 -9.63 -13.38
C ASN A 241 -18.89 -10.44 -12.50
N GLU A 242 -19.42 -11.50 -11.89
CA GLU A 242 -18.60 -12.26 -10.90
C GLU A 242 -17.48 -12.96 -11.61
N ASP A 243 -17.69 -13.46 -12.82
CA ASP A 243 -16.59 -14.16 -13.55
C ASP A 243 -15.45 -13.16 -13.83
N ALA A 244 -15.77 -11.91 -14.16
CA ALA A 244 -14.71 -10.94 -14.42
C ALA A 244 -13.93 -10.66 -13.14
N ALA A 245 -14.67 -10.45 -12.04
CA ALA A 245 -14.02 -10.22 -10.75
C ALA A 245 -13.16 -11.37 -10.35
N LYS A 246 -13.59 -12.62 -10.59
CA LYS A 246 -12.77 -13.77 -10.27
C LYS A 246 -11.49 -13.76 -11.11
N LYS A 247 -11.57 -13.39 -12.39
CA LYS A 247 -10.34 -13.36 -13.20
C LYS A 247 -9.37 -12.37 -12.60
N LEU A 248 -9.89 -11.20 -12.20
CA LEU A 248 -8.96 -10.18 -11.65
C LEU A 248 -8.44 -10.59 -10.29
N ALA A 249 -9.28 -11.14 -9.41
CA ALA A 249 -8.73 -11.64 -8.13
C ALA A 249 -7.79 -12.79 -8.30
N ASP A 250 -8.00 -13.65 -9.31
CA ASP A 250 -7.04 -14.71 -9.59
C ASP A 250 -5.70 -14.12 -10.02
N TYR A 251 -5.68 -13.04 -10.83
CA TYR A 251 -4.42 -12.40 -11.22
C TYR A 251 -3.72 -11.94 -9.93
N ALA A 252 -4.45 -11.24 -9.01
CA ALA A 252 -3.81 -10.71 -7.83
C ALA A 252 -3.22 -11.87 -6.98
N HIS A 253 -4.01 -12.96 -6.87
CA HIS A 253 -3.58 -14.14 -6.11
C HIS A 253 -2.33 -14.66 -6.68
N ASP A 254 -2.26 -14.71 -8.04
CA ASP A 254 -1.10 -15.32 -8.61
C ASP A 254 0.12 -14.41 -8.46
N LEU A 255 -0.02 -13.07 -8.43
CA LEU A 255 1.11 -12.21 -8.19
C LEU A 255 1.59 -12.40 -6.77
N ILE A 256 0.66 -12.56 -5.81
CA ILE A 256 1.10 -12.78 -4.43
C ILE A 256 1.89 -14.05 -4.29
N VAL A 257 1.35 -15.17 -4.75
CA VAL A 257 2.07 -16.42 -4.59
CA VAL A 257 2.05 -16.50 -4.80
C VAL A 257 3.37 -16.47 -5.44
N ALA A 258 3.50 -15.74 -6.54
CA ALA A 258 4.75 -15.67 -7.33
C ALA A 258 5.85 -15.04 -6.50
N THR A 259 5.50 -14.11 -5.57
CA THR A 259 6.48 -13.43 -4.73
C THR A 259 6.73 -14.17 -3.44
N GLY A 260 6.12 -15.35 -3.28
CA GLY A 260 6.30 -16.13 -2.02
C GLY A 260 5.55 -15.64 -0.82
N ASP A 261 4.72 -14.64 -1.02
CA ASP A 261 3.98 -14.10 0.08
C ASP A 261 2.78 -14.97 0.46
N ARG A 262 2.28 -14.72 1.65
CA ARG A 262 1.09 -15.50 2.11
C ARG A 262 -0.14 -15.04 1.38
N CYS A 263 -1.09 -15.97 1.21
CA CYS A 263 -2.39 -15.61 0.62
C CYS A 263 -3.47 -16.29 1.46
N MET A 264 -4.31 -15.48 2.09
CA MET A 264 -5.26 -15.97 3.12
C MET A 264 -6.68 -15.71 2.67
N GLY A 265 -6.92 -14.73 1.79
CA GLY A 265 -8.28 -14.20 1.62
C GLY A 265 -9.05 -14.58 0.35
N TYR A 266 -8.44 -15.34 -0.54
CA TYR A 266 -9.01 -15.66 -1.88
C TYR A 266 -8.29 -16.80 -2.49
N GLY A 267 -9.02 -17.72 -3.18
CA GLY A 267 -8.36 -18.70 -3.96
C GLY A 267 -7.75 -19.77 -3.05
N VAL A 268 -6.76 -20.42 -3.60
CA VAL A 268 -6.04 -21.45 -2.84
C VAL A 268 -5.14 -20.70 -1.84
N THR A 269 -5.41 -20.88 -0.57
CA THR A 269 -4.66 -20.22 0.48
C THR A 269 -3.30 -20.87 0.62
N GLN A 270 -2.34 -20.08 1.06
CA GLN A 270 -1.01 -20.65 1.23
C GLN A 270 -0.28 -19.83 2.22
N ASP A 271 0.60 -20.50 2.93
CA ASP A 271 1.43 -19.78 3.86
C ASP A 271 2.62 -19.17 3.09
N TYR A 272 3.44 -18.36 3.76
CA TYR A 272 4.66 -17.88 3.13
C TYR A 272 5.46 -19.04 2.50
N ASN A 273 6.05 -18.79 1.34
CA ASN A 273 7.20 -19.60 0.91
C ASN A 273 8.42 -18.81 1.27
N TYR A 274 9.02 -19.16 2.42
CA TYR A 274 9.99 -18.25 2.99
C TYR A 274 11.21 -18.00 2.13
N SER A 275 11.74 -19.04 1.50
CA SER A 275 12.84 -18.78 0.66
C SER A 275 12.56 -17.84 -0.52
N LEU A 276 11.41 -18.07 -1.10
CA LEU A 276 11.01 -17.24 -2.28
C LEU A 276 10.64 -15.81 -1.79
N PHE A 277 9.96 -15.70 -0.67
CA PHE A 277 9.63 -14.37 -0.20
C PHE A 277 10.88 -13.58 0.22
N GLY A 278 11.84 -14.29 0.86
CA GLY A 278 13.11 -13.61 1.19
C GLY A 278 13.84 -13.12 -0.09
N LYS A 279 13.89 -13.97 -1.15
CA LYS A 279 14.59 -13.56 -2.34
CA LYS A 279 14.56 -13.60 -2.37
C LYS A 279 13.86 -12.35 -2.99
N CYS A 280 12.53 -12.39 -3.01
CA CYS A 280 11.79 -11.27 -3.66
C CYS A 280 11.86 -10.03 -2.80
N SER A 281 11.83 -10.18 -1.47
CA SER A 281 11.77 -8.99 -0.64
C SER A 281 13.09 -8.34 -0.44
N LEU A 282 14.20 -9.03 -0.73
CA LEU A 282 15.50 -8.43 -0.43
C LEU A 282 16.17 -8.00 -1.74
N ASP A 283 15.44 -8.07 -2.85
CA ASP A 283 15.95 -7.50 -4.15
C ASP A 283 14.74 -7.13 -5.01
N PRO A 284 14.46 -5.81 -5.14
CA PRO A 284 13.33 -5.42 -5.98
C PRO A 284 13.32 -6.01 -7.38
N ASN A 285 14.51 -6.22 -7.95
CA ASN A 285 14.52 -6.80 -9.31
C ASN A 285 13.92 -8.22 -9.44
N GLU A 286 13.95 -9.03 -8.36
CA GLU A 286 13.28 -10.36 -8.37
C GLU A 286 11.77 -10.27 -8.49
N CYS A 287 11.11 -9.29 -7.84
CA CYS A 287 9.68 -9.09 -8.16
C CYS A 287 9.31 -8.73 -9.57
N LEU A 288 10.15 -7.92 -10.21
CA LEU A 288 9.86 -7.49 -11.56
C LEU A 288 10.04 -8.63 -12.51
N LYS A 289 10.98 -9.53 -12.22
CA LYS A 289 11.28 -10.58 -13.19
C LYS A 289 10.09 -11.53 -13.29
N LEU A 290 9.45 -11.79 -12.15
CA LEU A 290 8.28 -12.68 -12.13
C LEU A 290 7.25 -12.41 -13.20
C1 MLI B . -18.27 7.80 -7.71
C2 MLI B . -18.90 8.34 -8.96
C3 MLI B . -17.90 6.32 -7.87
O6 MLI B . -20.12 8.06 -9.14
O7 MLI B . -18.19 9.00 -9.77
O8 MLI B . -17.61 5.64 -6.86
O9 MLI B . -17.85 5.77 -9.00
#